data_9KF2
#
_entry.id   9KF2
#
_cell.length_a   39.983
_cell.length_b   44.161
_cell.length_c   101.272
_cell.angle_alpha   90.00
_cell.angle_beta   90.00
_cell.angle_gamma   90.00
#
_symmetry.space_group_name_H-M   'P 21 21 21'
#
loop_
_entity.id
_entity.type
_entity.pdbx_description
1 polymer 'Sulfotransferase family protein'
2 non-polymer GLYCEROL
3 non-polymer "ADENOSINE-3'-5'-DIPHOSPHATE"
4 non-polymer 'SULFATE ION'
5 water water
#
_entity_poly.entity_id   1
_entity_poly.type   'polypeptide(L)'
_entity_poly.pdbx_seq_one_letter_code
;ATSMKIIGAGFGRTGTLSVKAALETLGLGPCYHMLTTFEEPGHLRLWNAVSRGERVDWAEIFARYRSTVDWPACDHWETL
AKEYPEAKVLLTVRDSERWYDSFRQTLAPLWSAESADPELAEYLDLVRHITAHTFGGRLDDRAHAIAVFEEHNRRVRASI
PSERLLVFDVREGWEPLCAFFGRPVPPDTPFPHLNDRAAFQELLSRRLAHRG
;
_entity_poly.pdbx_strand_id   A
#
loop_
_chem_comp.id
_chem_comp.type
_chem_comp.name
_chem_comp.formula
A3P RNA linking ADENOSINE-3'-5'-DIPHOSPHATE 'C10 H15 N5 O10 P2'
GOL non-polymer GLYCEROL 'C3 H8 O3'
SO4 non-polymer 'SULFATE ION' 'O4 S -2'
#
# COMPACT_ATOMS: atom_id res chain seq x y z
N ALA A 1 -12.51 20.90 -0.10
CA ALA A 1 -11.97 19.95 -1.11
C ALA A 1 -11.39 18.74 -0.39
N THR A 2 -11.15 17.67 -1.13
CA THR A 2 -10.51 16.47 -0.60
C THR A 2 -9.04 16.51 -0.97
N SER A 3 -8.17 16.56 0.04
CA SER A 3 -6.74 16.72 -0.17
C SER A 3 -5.97 15.51 0.34
N MET A 4 -5.00 15.07 -0.45
N MET A 4 -4.97 15.09 -0.42
CA MET A 4 -4.15 13.95 -0.06
CA MET A 4 -4.09 13.99 -0.02
C MET A 4 -3.19 14.41 1.04
C MET A 4 -3.08 14.48 1.02
N LYS A 5 -3.33 13.80 2.23
N LYS A 5 -3.27 13.72 2.21
CA LYS A 5 -2.56 14.21 3.39
CA LYS A 5 -2.59 14.17 3.42
C LYS A 5 -1.49 13.21 3.80
C LYS A 5 -1.49 13.20 3.82
N ILE A 6 -1.60 11.95 3.39
CA ILE A 6 -0.68 10.90 3.79
C ILE A 6 -0.37 9.97 2.62
N ILE A 7 0.91 9.86 2.29
N ILE A 7 0.91 9.90 2.27
CA ILE A 7 1.41 8.96 1.26
CA ILE A 7 1.40 8.96 1.27
C ILE A 7 2.05 7.76 1.95
C ILE A 7 2.02 7.79 2.01
N GLY A 8 1.39 6.61 1.91
CA GLY A 8 1.96 5.42 2.49
C GLY A 8 3.02 4.82 1.59
N ALA A 9 4.21 4.62 2.15
CA ALA A 9 5.33 4.11 1.38
C ALA A 9 5.72 2.69 1.79
N GLY A 10 5.10 2.13 2.81
CA GLY A 10 5.45 0.78 3.23
C GLY A 10 4.89 -0.27 2.29
N PHE A 11 5.62 -1.38 2.17
CA PHE A 11 5.18 -2.51 1.38
C PHE A 11 3.95 -3.18 2.01
N GLY A 12 3.23 -3.95 1.19
CA GLY A 12 2.24 -4.85 1.73
C GLY A 12 2.87 -5.83 2.71
N ARG A 13 2.04 -6.28 3.66
CA ARG A 13 2.39 -7.17 4.77
C ARG A 13 3.12 -6.44 5.90
N THR A 14 2.96 -5.12 5.98
CA THR A 14 3.46 -4.33 7.11
C THR A 14 2.32 -3.71 7.91
N GLY A 15 1.13 -4.28 7.82
CA GLY A 15 0.00 -3.77 8.57
C GLY A 15 -0.76 -2.68 7.88
N THR A 16 -0.71 -2.62 6.55
CA THR A 16 -1.33 -1.50 5.86
C THR A 16 -2.86 -1.51 5.94
N LEU A 17 -3.50 -2.68 5.95
CA LEU A 17 -4.96 -2.67 6.10
C LEU A 17 -5.35 -2.15 7.48
N SER A 18 -4.60 -2.53 8.52
CA SER A 18 -4.86 -1.96 9.83
C SER A 18 -4.67 -0.45 9.83
N VAL A 19 -3.62 0.02 9.17
CA VAL A 19 -3.38 1.46 9.13
C VAL A 19 -4.49 2.16 8.37
N LYS A 20 -4.97 1.55 7.28
CA LYS A 20 -6.12 2.11 6.58
C LYS A 20 -7.30 2.32 7.52
N ALA A 21 -7.65 1.28 8.29
CA ALA A 21 -8.72 1.39 9.27
C ALA A 21 -8.43 2.48 10.29
N ALA A 22 -7.20 2.54 10.77
CA ALA A 22 -6.86 3.52 11.81
C ALA A 22 -6.93 4.94 11.27
N LEU A 23 -6.35 5.18 10.09
CA LEU A 23 -6.41 6.52 9.51
C LEU A 23 -7.86 6.95 9.28
N GLU A 24 -8.71 6.05 8.80
CA GLU A 24 -10.12 6.41 8.57
C GLU A 24 -10.80 6.75 9.90
N THR A 25 -10.49 6.00 10.96
CA THR A 25 -11.01 6.33 12.29
C THR A 25 -10.58 7.72 12.74
N LEU A 26 -9.34 8.10 12.44
CA LEU A 26 -8.84 9.40 12.86
C LEU A 26 -9.34 10.54 11.98
N GLY A 27 -10.17 10.25 10.97
CA GLY A 27 -10.64 11.28 10.07
C GLY A 27 -9.67 11.65 8.98
N LEU A 28 -8.73 10.76 8.68
CA LEU A 28 -7.69 10.98 7.67
C LEU A 28 -7.94 10.13 6.43
N GLY A 29 -9.17 9.65 6.26
CA GLY A 29 -9.57 8.93 5.07
C GLY A 29 -10.54 9.74 4.23
N PRO A 30 -11.08 9.11 3.17
CA PRO A 30 -10.88 7.72 2.76
C PRO A 30 -9.42 7.43 2.47
N CYS A 31 -9.01 6.22 2.83
CA CYS A 31 -7.65 5.76 2.61
C CYS A 31 -7.64 4.69 1.53
N TYR A 32 -6.80 4.90 0.53
CA TYR A 32 -6.61 3.95 -0.57
C TYR A 32 -5.77 2.77 -0.10
N HIS A 33 -6.01 1.61 -0.71
CA HIS A 33 -5.34 0.36 -0.34
C HIS A 33 -5.40 -0.53 -1.59
N MET A 34 -4.59 -1.59 -1.59
N MET A 34 -4.63 -1.61 -1.57
CA MET A 34 -4.68 -2.56 -2.68
CA MET A 34 -4.69 -2.55 -2.70
C MET A 34 -6.14 -2.99 -2.89
C MET A 34 -6.11 -3.07 -2.90
N LEU A 35 -6.87 -3.23 -1.80
CA LEU A 35 -8.25 -3.71 -1.94
C LEU A 35 -9.10 -2.69 -2.70
N THR A 36 -8.78 -1.40 -2.56
CA THR A 36 -9.54 -0.36 -3.23
C THR A 36 -9.50 -0.50 -4.74
N THR A 37 -8.41 -1.06 -5.27
CA THR A 37 -8.30 -1.16 -6.72
C THR A 37 -9.41 -2.03 -7.28
N PHE A 38 -9.92 -2.98 -6.49
CA PHE A 38 -11.01 -3.84 -6.89
C PHE A 38 -12.37 -3.21 -6.72
N GLU A 39 -12.46 -2.13 -5.95
CA GLU A 39 -13.72 -1.46 -5.70
C GLU A 39 -13.91 -0.20 -6.54
N GLU A 40 -12.87 0.26 -7.21
CA GLU A 40 -12.93 1.47 -8.02
C GLU A 40 -12.88 1.11 -9.50
N PRO A 41 -13.97 1.22 -10.24
CA PRO A 41 -13.92 0.84 -11.65
C PRO A 41 -12.89 1.68 -12.40
N GLY A 42 -12.16 0.99 -13.28
CA GLY A 42 -11.14 1.61 -14.08
C GLY A 42 -9.80 1.75 -13.42
N HIS A 43 -9.68 1.48 -12.12
CA HIS A 43 -8.44 1.80 -11.44
C HIS A 43 -7.31 0.83 -11.74
N LEU A 44 -7.59 -0.47 -11.94
CA LEU A 44 -6.47 -1.33 -12.31
C LEU A 44 -5.91 -0.94 -13.66
N ARG A 45 -6.77 -0.55 -14.61
CA ARG A 45 -6.27 -0.05 -15.88
C ARG A 45 -5.44 1.21 -15.69
N LEU A 46 -5.88 2.13 -14.81
CA LEU A 46 -5.08 3.31 -14.53
C LEU A 46 -3.71 2.95 -13.95
N TRP A 47 -3.67 2.01 -13.00
CA TRP A 47 -2.40 1.63 -12.39
C TRP A 47 -1.49 0.93 -13.39
N ASN A 48 -2.03 0.15 -14.32
CA ASN A 48 -1.18 -0.42 -15.36
C ASN A 48 -0.69 0.66 -16.31
N ALA A 49 -1.48 1.70 -16.56
CA ALA A 49 -0.99 2.82 -17.36
C ALA A 49 0.15 3.52 -16.64
N VAL A 50 -0.02 3.77 -15.34
CA VAL A 50 1.09 4.33 -14.54
C VAL A 50 2.31 3.43 -14.67
N SER A 51 2.10 2.13 -14.53
CA SER A 51 3.20 1.17 -14.54
C SER A 51 3.94 1.18 -15.87
N ARG A 52 3.23 1.41 -16.98
CA ARG A 52 3.86 1.48 -18.28
C ARG A 52 4.59 2.79 -18.51
N GLY A 53 4.47 3.75 -17.61
CA GLY A 53 5.07 5.06 -17.80
C GLY A 53 4.23 6.05 -18.57
N GLU A 54 2.94 5.79 -18.76
CA GLU A 54 2.10 6.78 -19.41
C GLU A 54 1.93 7.99 -18.50
N ARG A 55 1.64 9.14 -19.11
CA ARG A 55 1.22 10.29 -18.32
C ARG A 55 -0.17 9.99 -17.78
N VAL A 56 -0.31 9.98 -16.46
CA VAL A 56 -1.59 9.76 -15.79
C VAL A 56 -1.75 10.87 -14.77
N ASP A 57 -2.87 11.57 -14.83
CA ASP A 57 -3.23 12.55 -13.82
C ASP A 57 -3.55 11.82 -12.53
N TRP A 58 -2.76 12.05 -11.48
CA TRP A 58 -2.96 11.34 -10.23
C TRP A 58 -4.35 11.58 -9.65
N ALA A 59 -4.98 12.71 -9.98
CA ALA A 59 -6.32 12.97 -9.47
C ALA A 59 -7.33 11.95 -9.98
N GLU A 60 -7.09 11.35 -11.15
CA GLU A 60 -7.98 10.31 -11.64
C GLU A 60 -8.00 9.09 -10.73
N ILE A 61 -6.96 8.90 -9.94
CA ILE A 61 -6.92 7.84 -8.94
C ILE A 61 -7.32 8.36 -7.57
N PHE A 62 -6.76 9.51 -7.14
CA PHE A 62 -6.79 9.87 -5.73
C PHE A 62 -7.70 11.03 -5.37
N ALA A 63 -8.46 11.60 -6.31
CA ALA A 63 -9.26 12.79 -6.00
C ALA A 63 -10.16 12.59 -4.77
N ARG A 64 -10.71 11.40 -4.59
CA ARG A 64 -11.63 11.16 -3.49
C ARG A 64 -10.94 10.65 -2.22
N TYR A 65 -9.61 10.61 -2.20
CA TYR A 65 -8.87 10.00 -1.10
C TYR A 65 -8.02 11.02 -0.37
N ARG A 66 -7.88 10.82 0.95
CA ARG A 66 -7.02 11.65 1.77
C ARG A 66 -5.74 10.94 2.18
N SER A 67 -5.64 9.64 1.98
CA SER A 67 -4.46 8.87 2.33
C SER A 67 -4.40 7.68 1.40
N THR A 68 -3.22 7.05 1.35
CA THR A 68 -3.01 5.82 0.62
C THR A 68 -1.97 4.99 1.36
N VAL A 69 -2.17 3.68 1.35
CA VAL A 69 -1.20 2.71 1.87
C VAL A 69 -1.16 1.52 0.92
N ASP A 70 -0.12 0.70 1.10
CA ASP A 70 0.06 -0.57 0.39
C ASP A 70 0.46 -0.38 -1.06
N TRP A 71 0.77 -1.48 -1.73
CA TRP A 71 0.78 -1.49 -3.17
C TRP A 71 -0.63 -1.17 -3.67
N PRO A 72 -0.75 -0.61 -4.88
CA PRO A 72 0.34 -0.27 -5.80
C PRO A 72 1.01 1.06 -5.51
N ALA A 73 0.41 1.94 -4.70
CA ALA A 73 0.92 3.30 -4.60
C ALA A 73 2.28 3.38 -3.93
N CYS A 74 2.61 2.43 -3.04
CA CYS A 74 3.85 2.56 -2.28
C CYS A 74 5.07 2.55 -3.18
N ASP A 75 4.97 1.94 -4.37
CA ASP A 75 6.12 1.94 -5.28
C ASP A 75 6.36 3.32 -5.89
N HIS A 76 5.36 4.21 -5.82
CA HIS A 76 5.39 5.53 -6.42
C HIS A 76 5.50 6.63 -5.38
N TRP A 77 6.01 6.29 -4.19
CA TRP A 77 6.09 7.26 -3.11
C TRP A 77 6.87 8.50 -3.55
N GLU A 78 7.93 8.33 -4.34
CA GLU A 78 8.78 9.48 -4.62
C GLU A 78 8.06 10.49 -5.49
N THR A 79 7.43 10.03 -6.57
N THR A 79 7.39 10.04 -6.55
CA THR A 79 6.62 10.90 -7.41
CA THR A 79 6.66 10.99 -7.39
C THR A 79 5.47 11.51 -6.62
C THR A 79 5.39 11.49 -6.70
N LEU A 80 4.74 10.67 -5.87
CA LEU A 80 3.60 11.16 -5.11
C LEU A 80 4.00 12.22 -4.10
N ALA A 81 5.16 12.07 -3.45
CA ALA A 81 5.57 13.08 -2.48
C ALA A 81 5.88 14.40 -3.15
N LYS A 82 6.31 14.37 -4.42
CA LYS A 82 6.50 15.62 -5.16
C LYS A 82 5.17 16.17 -5.66
N GLU A 83 4.26 15.29 -6.08
CA GLU A 83 2.93 15.73 -6.50
C GLU A 83 2.20 16.44 -5.37
N TYR A 84 2.31 15.92 -4.14
CA TYR A 84 1.53 16.39 -3.00
C TYR A 84 2.49 16.85 -1.92
N PRO A 85 3.10 18.03 -2.10
CA PRO A 85 4.17 18.45 -1.18
C PRO A 85 3.72 18.67 0.24
N GLU A 86 2.43 18.88 0.48
CA GLU A 86 1.92 19.10 1.83
C GLU A 86 1.51 17.81 2.49
N ALA A 87 1.54 16.70 1.77
CA ALA A 87 1.28 15.41 2.37
C ALA A 87 2.48 14.93 3.15
N LYS A 88 2.22 14.26 4.27
N LYS A 88 2.22 14.23 4.25
CA LYS A 88 3.24 13.50 4.96
CA LYS A 88 3.23 13.49 4.98
C LYS A 88 3.44 12.16 4.25
C LYS A 88 3.37 12.10 4.37
N VAL A 89 4.53 11.48 4.62
CA VAL A 89 4.84 10.15 4.10
C VAL A 89 4.87 9.24 5.32
N LEU A 90 4.21 8.10 5.20
CA LEU A 90 4.09 7.13 6.29
C LEU A 90 4.73 5.84 5.81
N LEU A 91 5.85 5.47 6.43
CA LEU A 91 6.56 4.26 6.09
C LEU A 91 6.27 3.25 7.21
N THR A 92 5.50 2.22 6.88
CA THR A 92 5.31 1.10 7.80
C THR A 92 6.41 0.08 7.56
N VAL A 93 6.93 -0.46 8.66
CA VAL A 93 8.06 -1.37 8.63
C VAL A 93 7.74 -2.59 9.48
N ARG A 94 8.62 -3.58 9.39
CA ARG A 94 8.42 -4.87 10.03
C ARG A 94 9.77 -5.56 9.99
N ASP A 95 10.02 -6.47 10.93
CA ASP A 95 11.27 -7.20 10.82
C ASP A 95 11.26 -8.05 9.55
N SER A 96 12.41 -8.15 8.90
CA SER A 96 12.46 -8.56 7.50
C SER A 96 12.11 -10.03 7.30
N GLU A 97 12.61 -10.91 8.17
CA GLU A 97 12.36 -12.33 7.98
C GLU A 97 10.89 -12.67 8.12
N ARG A 98 10.23 -12.10 9.14
CA ARG A 98 8.80 -12.33 9.32
C ARG A 98 7.99 -11.62 8.23
N TRP A 99 8.42 -10.43 7.82
CA TRP A 99 7.77 -9.78 6.67
C TRP A 99 7.78 -10.72 5.46
N TYR A 100 8.94 -11.32 5.17
CA TYR A 100 9.03 -12.16 3.98
C TYR A 100 8.13 -13.40 4.11
N ASP A 101 8.12 -14.04 5.28
CA ASP A 101 7.21 -15.18 5.45
C ASP A 101 5.77 -14.77 5.16
N SER A 102 5.35 -13.61 5.65
CA SER A 102 4.01 -13.12 5.38
C SER A 102 3.78 -12.88 3.90
N PHE A 103 4.73 -12.22 3.25
CA PHE A 103 4.65 -11.95 1.82
C PHE A 103 4.62 -13.25 1.01
N ARG A 104 5.52 -14.18 1.33
CA ARG A 104 5.60 -15.42 0.58
C ARG A 104 4.38 -16.30 0.77
N GLN A 105 3.76 -16.25 1.94
CA GLN A 105 2.61 -17.10 2.20
C GLN A 105 1.29 -16.49 1.73
N THR A 106 1.19 -15.16 1.57
N THR A 106 1.18 -15.18 1.59
CA THR A 106 -0.11 -14.52 1.29
CA THR A 106 -0.09 -14.57 1.22
C THR A 106 -0.19 -13.78 -0.03
C THR A 106 -0.07 -14.01 -0.19
N LEU A 107 0.88 -13.13 -0.50
CA LEU A 107 0.84 -12.41 -1.77
C LEU A 107 1.54 -13.16 -2.89
N ALA A 108 2.72 -13.71 -2.63
CA ALA A 108 3.48 -14.32 -3.71
C ALA A 108 2.68 -15.39 -4.44
N PRO A 109 1.88 -16.23 -3.78
CA PRO A 109 1.12 -17.23 -4.57
C PRO A 109 0.13 -16.58 -5.51
N LEU A 110 -0.51 -15.48 -5.08
CA LEU A 110 -1.43 -14.77 -5.96
C LEU A 110 -0.68 -14.10 -7.10
N TRP A 111 0.44 -13.45 -6.78
CA TRP A 111 1.18 -12.72 -7.81
C TRP A 111 1.84 -13.64 -8.82
N SER A 112 2.12 -14.89 -8.45
CA SER A 112 2.78 -15.83 -9.33
C SER A 112 1.80 -16.71 -10.10
N ALA A 113 0.51 -16.48 -9.93
CA ALA A 113 -0.49 -17.36 -10.47
C ALA A 113 -0.63 -17.17 -11.97
N GLU A 114 -1.02 -18.25 -12.63
CA GLU A 114 -1.59 -18.18 -13.98
C GLU A 114 -3.08 -18.34 -13.79
N SER A 115 -3.85 -17.54 -14.50
CA SER A 115 -5.30 -17.61 -14.42
C SER A 115 -5.86 -17.59 -15.82
N ALA A 116 -6.80 -18.49 -16.08
CA ALA A 116 -7.58 -18.44 -17.31
C ALA A 116 -8.81 -17.56 -17.16
N ASP A 117 -8.92 -16.81 -16.06
CA ASP A 117 -10.09 -15.99 -15.79
C ASP A 117 -9.85 -14.60 -16.35
N PRO A 118 -10.59 -14.18 -17.38
CA PRO A 118 -10.34 -12.84 -17.95
C PRO A 118 -10.47 -11.71 -16.94
N GLU A 119 -11.33 -11.86 -15.95
CA GLU A 119 -11.56 -10.80 -14.97
C GLU A 119 -10.33 -10.49 -14.15
N LEU A 120 -9.37 -11.41 -14.07
CA LEU A 120 -8.18 -11.19 -13.27
C LEU A 120 -7.00 -10.73 -14.10
N ALA A 121 -7.16 -10.59 -15.42
CA ALA A 121 -6.02 -10.25 -16.26
C ALA A 121 -5.42 -8.91 -15.89
N GLU A 122 -6.26 -7.90 -15.63
CA GLU A 122 -5.72 -6.58 -15.30
C GLU A 122 -4.98 -6.59 -13.97
N TYR A 123 -5.51 -7.31 -12.98
CA TYR A 123 -4.82 -7.44 -11.70
C TYR A 123 -3.49 -8.16 -11.86
N LEU A 124 -3.47 -9.28 -12.59
CA LEU A 124 -2.22 -10.03 -12.71
C LEU A 124 -1.18 -9.22 -13.48
N ASP A 125 -1.60 -8.48 -14.51
CA ASP A 125 -0.64 -7.61 -15.19
C ASP A 125 -0.01 -6.63 -14.21
N LEU A 126 -0.82 -6.06 -13.31
CA LEU A 126 -0.30 -5.09 -12.36
C LEU A 126 0.69 -5.73 -11.39
N VAL A 127 0.33 -6.86 -10.77
CA VAL A 127 1.24 -7.42 -9.78
C VAL A 127 2.44 -8.07 -10.46
N ARG A 128 2.31 -8.47 -11.74
CA ARG A 128 3.49 -8.90 -12.47
C ARG A 128 4.42 -7.73 -12.76
N HIS A 129 3.87 -6.53 -12.98
N HIS A 129 3.84 -6.54 -13.02
CA HIS A 129 4.74 -5.38 -13.17
CA HIS A 129 4.64 -5.33 -13.18
C HIS A 129 5.46 -5.01 -11.88
C HIS A 129 5.43 -5.02 -11.90
N ILE A 130 4.77 -5.11 -10.74
CA ILE A 130 5.45 -4.88 -9.46
C ILE A 130 6.56 -5.90 -9.28
N THR A 131 6.25 -7.17 -9.56
CA THR A 131 7.26 -8.22 -9.46
C THR A 131 8.47 -7.87 -10.31
N ALA A 132 8.22 -7.36 -11.52
CA ALA A 132 9.30 -7.06 -12.45
C ALA A 132 10.14 -5.88 -11.97
N HIS A 133 9.50 -4.76 -11.67
CA HIS A 133 10.26 -3.53 -11.45
C HIS A 133 10.67 -3.33 -10.02
N THR A 134 9.93 -3.87 -9.07
CA THR A 134 10.36 -3.77 -7.68
C THR A 134 11.21 -4.97 -7.27
N PHE A 135 10.87 -6.17 -7.73
CA PHE A 135 11.58 -7.37 -7.29
C PHE A 135 12.46 -7.99 -8.37
N GLY A 136 12.63 -7.34 -9.52
CA GLY A 136 13.53 -7.86 -10.52
C GLY A 136 13.10 -9.20 -11.09
N GLY A 137 11.83 -9.54 -10.97
CA GLY A 137 11.29 -10.76 -11.51
C GLY A 137 11.34 -11.98 -10.61
N ARG A 138 11.78 -11.85 -9.37
N ARG A 138 11.78 -11.83 -9.36
CA ARG A 138 11.93 -13.00 -8.49
CA ARG A 138 11.96 -12.96 -8.45
C ARG A 138 11.30 -12.73 -7.13
C ARG A 138 11.24 -12.66 -7.15
N LEU A 139 10.33 -13.55 -6.75
CA LEU A 139 9.68 -13.49 -5.45
C LEU A 139 10.09 -14.64 -4.53
N ASP A 140 10.66 -15.72 -5.08
CA ASP A 140 10.96 -16.95 -4.36
C ASP A 140 12.32 -16.95 -3.68
N ASP A 141 13.14 -15.95 -3.97
CA ASP A 141 14.52 -15.82 -3.46
C ASP A 141 14.40 -14.99 -2.19
N ARG A 142 14.52 -15.65 -1.05
CA ARG A 142 14.24 -14.99 0.23
C ARG A 142 15.20 -13.83 0.47
N ALA A 143 16.50 -14.08 0.38
CA ALA A 143 17.47 -13.03 0.62
C ALA A 143 17.27 -11.87 -0.34
N HIS A 144 16.95 -12.15 -1.61
CA HIS A 144 16.73 -11.07 -2.55
C HIS A 144 15.50 -10.25 -2.19
N ALA A 145 14.39 -10.90 -1.87
CA ALA A 145 13.17 -10.14 -1.54
C ALA A 145 13.38 -9.31 -0.29
N ILE A 146 14.09 -9.85 0.69
CA ILE A 146 14.41 -9.09 1.90
C ILE A 146 15.32 -7.92 1.57
N ALA A 147 16.29 -8.11 0.68
CA ALA A 147 17.16 -7.00 0.29
C ALA A 147 16.36 -5.90 -0.40
N VAL A 148 15.37 -6.28 -1.21
CA VAL A 148 14.51 -5.29 -1.86
C VAL A 148 13.70 -4.51 -0.83
N PHE A 149 13.09 -5.23 0.12
CA PHE A 149 12.33 -4.61 1.21
C PHE A 149 13.18 -3.61 1.97
N GLU A 150 14.36 -4.05 2.42
CA GLU A 150 15.20 -3.19 3.23
C GLU A 150 15.70 -1.99 2.44
N GLU A 151 16.05 -2.18 1.17
CA GLU A 151 16.51 -1.04 0.38
C GLU A 151 15.37 -0.07 0.11
N HIS A 152 14.17 -0.59 -0.16
CA HIS A 152 13.02 0.28 -0.34
C HIS A 152 12.82 1.16 0.88
N ASN A 153 12.81 0.53 2.06
CA ASN A 153 12.61 1.29 3.29
C ASN A 153 13.71 2.31 3.50
N ARG A 154 14.95 1.90 3.25
CA ARG A 154 16.07 2.81 3.43
C ARG A 154 16.02 3.98 2.45
N ARG A 155 15.63 3.71 1.20
N ARG A 155 15.61 3.72 1.20
CA ARG A 155 15.58 4.78 0.22
CA ARG A 155 15.60 4.79 0.22
C ARG A 155 14.54 5.83 0.59
C ARG A 155 14.51 5.82 0.54
N VAL A 156 13.38 5.39 1.08
CA VAL A 156 12.37 6.35 1.56
C VAL A 156 12.97 7.21 2.66
N ARG A 157 13.61 6.58 3.65
N ARG A 157 13.59 6.58 3.65
CA ARG A 157 14.15 7.32 4.78
CA ARG A 157 14.16 7.30 4.79
C ARG A 157 15.26 8.26 4.35
C ARG A 157 15.28 8.24 4.36
N ALA A 158 16.00 7.90 3.30
CA ALA A 158 17.09 8.75 2.82
C ALA A 158 16.59 9.92 1.99
N SER A 159 15.38 9.83 1.44
CA SER A 159 14.92 10.75 0.40
C SER A 159 13.92 11.78 0.87
N ILE A 160 13.17 11.48 1.93
CA ILE A 160 12.11 12.35 2.42
C ILE A 160 12.66 13.14 3.60
N PRO A 161 12.53 14.47 3.61
CA PRO A 161 12.99 15.22 4.79
C PRO A 161 12.40 14.64 6.05
N SER A 162 13.21 14.62 7.11
CA SER A 162 12.84 13.86 8.30
C SER A 162 11.49 14.29 8.87
N GLU A 163 11.21 15.60 8.90
CA GLU A 163 9.98 16.10 9.53
C GLU A 163 8.74 15.67 8.77
N ARG A 164 8.89 15.28 7.53
CA ARG A 164 7.77 14.88 6.69
C ARG A 164 7.48 13.39 6.74
N LEU A 165 8.36 12.61 7.35
CA LEU A 165 8.27 11.16 7.31
C LEU A 165 8.04 10.61 8.71
N LEU A 166 7.08 9.70 8.84
CA LEU A 166 6.95 8.87 10.02
C LEU A 166 7.36 7.45 9.66
N VAL A 167 8.24 6.86 10.48
CA VAL A 167 8.57 5.44 10.38
C VAL A 167 7.84 4.74 11.53
N PHE A 168 6.99 3.78 11.18
CA PHE A 168 5.98 3.26 12.11
C PHE A 168 5.89 1.75 11.98
N ASP A 169 5.93 1.07 13.12
CA ASP A 169 5.63 -0.36 13.21
C ASP A 169 4.26 -0.48 13.87
N VAL A 170 3.33 -1.18 13.22
CA VAL A 170 1.97 -1.19 13.77
C VAL A 170 1.93 -1.79 15.17
N ARG A 171 2.94 -2.57 15.56
CA ARG A 171 3.00 -3.07 16.93
C ARG A 171 3.15 -1.97 17.96
N GLU A 172 3.46 -0.74 17.52
N GLU A 172 3.46 -0.74 17.52
CA GLU A 172 3.56 0.38 18.45
CA GLU A 172 3.57 0.39 18.44
C GLU A 172 2.21 0.95 18.84
C GLU A 172 2.20 0.96 18.84
N GLY A 173 1.15 0.66 18.09
CA GLY A 173 -0.17 1.13 18.45
C GLY A 173 -0.44 2.58 18.05
N TRP A 174 -1.46 3.14 18.71
CA TRP A 174 -1.97 4.45 18.30
C TRP A 174 -0.97 5.56 18.55
N GLU A 175 -0.23 5.48 19.65
CA GLU A 175 0.38 6.69 20.20
C GLU A 175 1.31 7.39 19.22
N PRO A 176 2.25 6.72 18.57
CA PRO A 176 3.15 7.47 17.67
C PRO A 176 2.46 7.94 16.40
N LEU A 177 1.45 7.21 15.94
CA LEU A 177 0.67 7.62 14.78
C LEU A 177 -0.11 8.90 15.09
N CYS A 178 -0.84 8.90 16.20
CA CYS A 178 -1.60 10.06 16.62
C CYS A 178 -0.70 11.24 16.92
N ALA A 179 0.45 11.00 17.55
CA ALA A 179 1.32 12.11 17.92
C ALA A 179 1.90 12.78 16.67
N PHE A 180 2.22 11.98 15.65
CA PHE A 180 2.85 12.52 14.46
C PHE A 180 1.90 13.46 13.71
N PHE A 181 0.61 13.12 13.67
CA PHE A 181 -0.38 13.98 13.04
C PHE A 181 -1.05 14.93 14.04
N GLY A 182 -0.63 14.91 15.29
CA GLY A 182 -1.20 15.81 16.29
C GLY A 182 -2.67 15.58 16.53
N ARG A 183 -3.12 14.32 16.48
N ARG A 183 -3.11 14.33 16.48
CA ARG A 183 -4.52 13.95 16.68
CA ARG A 183 -4.51 13.97 16.71
C ARG A 183 -4.68 13.16 17.98
C ARG A 183 -4.64 13.24 18.04
N PRO A 184 -5.85 13.20 18.60
CA PRO A 184 -6.04 12.47 19.85
C PRO A 184 -6.08 10.97 19.64
N VAL A 185 -5.59 10.26 20.64
CA VAL A 185 -5.70 8.80 20.68
C VAL A 185 -7.13 8.40 20.99
N PRO A 186 -7.76 7.56 20.18
CA PRO A 186 -9.10 7.08 20.51
C PRO A 186 -9.09 6.33 21.83
N PRO A 187 -9.99 6.69 22.75
CA PRO A 187 -9.98 6.05 24.07
C PRO A 187 -10.54 4.64 24.04
N ASP A 188 -9.92 3.77 24.83
CA ASP A 188 -10.35 2.38 25.04
C ASP A 188 -10.64 1.68 23.71
N THR A 189 -9.72 1.85 22.77
CA THR A 189 -9.84 1.25 21.43
C THR A 189 -8.54 0.56 21.09
N PRO A 190 -8.51 -0.75 20.94
CA PRO A 190 -7.27 -1.40 20.49
C PRO A 190 -6.90 -0.95 19.10
N PHE A 191 -5.61 -0.90 18.84
CA PHE A 191 -5.17 -0.62 17.48
C PHE A 191 -5.65 -1.75 16.57
N PRO A 192 -6.11 -1.45 15.36
CA PRO A 192 -6.61 -2.51 14.47
C PRO A 192 -5.53 -3.56 14.20
N HIS A 193 -5.98 -4.82 14.10
CA HIS A 193 -5.10 -5.95 13.76
C HIS A 193 -5.81 -6.77 12.69
N LEU A 194 -5.78 -6.27 11.46
CA LEU A 194 -6.45 -6.89 10.34
C LEU A 194 -5.47 -7.73 9.55
N ASN A 195 -5.81 -9.00 9.33
CA ASN A 195 -4.86 -9.95 8.74
C ASN A 195 -4.65 -9.72 7.25
N ASP A 196 -5.64 -9.15 6.56
CA ASP A 196 -5.54 -8.85 5.13
C ASP A 196 -5.28 -10.10 4.30
N ARG A 197 -6.12 -11.12 4.50
CA ARG A 197 -6.03 -12.33 3.71
C ARG A 197 -7.40 -12.70 3.14
N ALA A 198 -8.35 -12.97 4.04
CA ALA A 198 -9.65 -13.43 3.58
C ALA A 198 -10.43 -12.34 2.87
N ALA A 199 -10.24 -11.07 3.26
CA ALA A 199 -10.92 -9.98 2.58
C ALA A 199 -10.59 -9.95 1.09
N PHE A 200 -9.32 -10.15 0.75
CA PHE A 200 -8.95 -10.12 -0.66
C PHE A 200 -9.53 -11.33 -1.40
N GLN A 201 -9.53 -12.50 -0.76
N GLN A 201 -9.54 -12.50 -0.76
CA GLN A 201 -10.14 -13.67 -1.39
CA GLN A 201 -10.15 -13.66 -1.40
C GLN A 201 -11.62 -13.44 -1.68
C GLN A 201 -11.62 -13.42 -1.70
N GLU A 202 -12.31 -12.68 -0.82
CA GLU A 202 -13.71 -12.39 -1.08
C GLU A 202 -13.85 -11.42 -2.25
N LEU A 203 -12.97 -10.42 -2.33
CA LEU A 203 -13.03 -9.48 -3.45
C LEU A 203 -12.75 -10.20 -4.77
N LEU A 204 -11.79 -11.13 -4.77
CA LEU A 204 -11.53 -11.92 -5.97
C LEU A 204 -12.78 -12.68 -6.40
N SER A 205 -13.46 -13.33 -5.46
N SER A 205 -13.45 -13.33 -5.45
CA SER A 205 -14.64 -14.11 -5.84
CA SER A 205 -14.65 -14.10 -5.79
C SER A 205 -15.75 -13.18 -6.33
C SER A 205 -15.73 -13.19 -6.33
N ARG A 206 -15.89 -12.00 -5.73
CA ARG A 206 -16.90 -11.05 -6.21
C ARG A 206 -16.59 -10.60 -7.62
N ARG A 207 -15.31 -10.40 -7.93
CA ARG A 207 -14.95 -9.94 -9.27
C ARG A 207 -15.21 -11.01 -10.31
N LEU A 208 -14.87 -12.26 -9.99
CA LEU A 208 -15.16 -13.36 -10.90
C LEU A 208 -16.66 -13.54 -11.10
N ALA A 209 -17.46 -13.33 -10.05
CA ALA A 209 -18.90 -13.48 -10.17
C ALA A 209 -19.59 -12.24 -10.73
N HIS A 210 -18.88 -11.11 -10.84
CA HIS A 210 -19.46 -9.85 -11.30
C HIS A 210 -20.50 -9.34 -10.31
N ARG A 211 -20.18 -9.44 -9.02
CA ARG A 211 -21.00 -8.89 -7.94
C ARG A 211 -20.60 -7.45 -7.68
N GLY A 212 -21.60 -6.59 -7.47
CA GLY A 212 -21.34 -5.18 -7.22
C GLY A 212 -20.91 -4.42 -8.44
C1 GOL B . 11.62 16.95 -2.51
O1 GOL B . 12.31 17.81 -1.65
C2 GOL B . 10.62 16.21 -1.67
O2 GOL B . 11.31 15.34 -0.82
C3 GOL B . 9.67 15.50 -2.62
O3 GOL B . 8.87 14.66 -1.84
H11 GOL B . 12.22 16.32 -2.95
H12 GOL B . 11.17 17.43 -3.23
HO1 GOL B . 12.70 17.34 -1.07
H2 GOL B . 10.09 16.82 -1.12
HO2 GOL B . 10.76 14.99 -0.28
H31 GOL B . 10.19 15.00 -3.27
H32 GOL B . 9.15 16.16 -3.11
HO3 GOL B . 9.34 14.01 -1.58
C1 GOL C . 10.82 -17.06 -9.58
O1 GOL C . 11.15 -17.60 -10.85
C2 GOL C . 9.36 -16.69 -9.51
O2 GOL C . 9.17 -15.69 -8.52
C3 GOL C . 8.87 -16.20 -10.86
O3 GOL C . 7.56 -15.71 -10.68
H11 GOL C . 11.35 -16.27 -9.41
H12 GOL C . 11.02 -17.70 -8.88
HO1 GOL C . 11.97 -17.82 -10.85
H2 GOL C . 8.88 -17.50 -9.27
HO2 GOL C . 9.29 -14.94 -8.89
H31 GOL C . 8.87 -16.94 -11.50
H32 GOL C . 9.46 -15.52 -11.20
HO3 GOL C . 7.32 -15.30 -11.39
P1 A3P D . 0.57 -11.84 8.92
O1P A3P D . 1.76 -12.34 9.65
O2P A3P D . 0.51 -12.40 7.42
O3P A3P D . -0.74 -12.31 9.72
P2 A3P D . -1.01 -5.81 5.11
O4P A3P D . -0.08 -4.73 4.74
O5P A3P D . -2.49 -5.31 5.46
O6P A3P D . -1.09 -6.92 3.96
O5' A3P D . -0.36 -6.44 6.44
C5' A3P D . -0.94 -7.63 7.00
C4' A3P D . 0.05 -8.20 8.01
O4' A3P D . 0.16 -7.24 9.09
C3' A3P D . -0.52 -9.47 8.65
O3' A3P D . 0.68 -10.22 8.95
C2' A3P D . -1.11 -8.94 9.95
O2' A3P D . -1.13 -9.95 10.95
C1' A3P D . -0.07 -7.88 10.31
N9 A3P D . -0.65 -6.91 11.24
C8 A3P D . -1.73 -6.09 11.00
N7 A3P D . -2.08 -5.36 12.02
C5 A3P D . -1.18 -5.72 13.02
C6 A3P D . -1.02 -5.30 14.35
N6 A3P D . -1.81 -4.39 14.94
N1 A3P D . -0.03 -5.87 15.07
C2 A3P D . 0.74 -6.79 14.49
N3 A3P D . 0.69 -7.26 13.24
C4 A3P D . -0.31 -6.69 12.55
H5'1 A3P D . -1.12 -8.27 6.30
H5'2 A3P D . -1.78 -7.40 7.44
H4' A3P D . 0.93 -8.36 7.64
H3' A3P D . -1.22 -9.93 8.15
H2' A3P D . -2.00 -8.55 9.81
HO2' A3P D . -1.93 -10.25 10.98
H1' A3P D . 0.76 -8.25 10.66
H8 A3P D . -2.16 -6.06 10.17
HN61 A3P D . -2.34 -4.65 15.57
HN62 A3P D . -1.81 -3.57 14.68
H2 A3P D . 1.41 -7.14 15.02
S SO4 E . -9.03 -9.97 6.73
O1 SO4 E . -10.53 -9.82 6.72
O2 SO4 E . -8.67 -11.15 7.59
O3 SO4 E . -8.57 -10.21 5.34
O4 SO4 E . -8.36 -8.73 7.28
S SO4 F . -10.38 -1.97 -13.89
O1 SO4 F . -11.81 -1.62 -14.18
O2 SO4 F . -10.07 -1.76 -12.44
O3 SO4 F . -10.16 -3.40 -14.30
O4 SO4 F . -9.46 -1.09 -14.68
#